data_5J9N
#
_entry.id   5J9N
#
_cell.length_a   90.359
_cell.length_b   64.547
_cell.length_c   71.273
_cell.angle_alpha   90.00
_cell.angle_beta   92.85
_cell.angle_gamma   90.00
#
_symmetry.space_group_name_H-M   'C 1 2 1'
#
loop_
_entity.id
_entity.type
_entity.pdbx_description
1 polymer 'Queuine tRNA-ribosyltransferase'
2 non-polymer 'ZINC ION'
3 non-polymer GLYCEROL
4 non-polymer 2-(methylamino)-1H-benzimidazole-5-carbohydrazide
5 water water
#
_entity_poly.entity_id   1
_entity_poly.type   'polypeptide(L)'
_entity_poly.pdbx_seq_one_letter_code
;MVEATAQETDRPRFSFSIAAREGKARTGTIEMKRGVIRTPAFMPVGTAATVKALKPETVRATGADIILGNTYHLMLRPGA
ERIAKLGGLHSFMGWDRPILTDSGGYQVMSLSSLTKQSEEGVTFKSHLDGSRHMLSPERSIEIQHLLGSDIVMAFDECTP
YPATPSRAASSMERSMRWAKRSRDAFDSRKEQAENAALFGIQQGSVFENLRQQSADALAEIGFDGYAVGGLAVGEGQDEM
FRVLDFSVPMLPDDKPHYLMGVGKPDDIVGAVERGIDMFDCVLPTRSGRNGQAFTWDGPINIRNARFSEDLKPLDSECHC
AVCQKWSRAYIHHLIRAGEILGAMLMTEHNIAFYQQLMQKIRDSISEGRFSQFAQDFRARYFARNS
;
_entity_poly.pdbx_strand_id   A
#
loop_
_chem_comp.id
_chem_comp.type
_chem_comp.name
_chem_comp.formula
6H9 non-polymer 2-(methylamino)-1H-benzimidazole-5-carbohydrazide 'C9 H11 N5 O'
GOL non-polymer GLYCEROL 'C3 H8 O3'
ZN non-polymer 'ZINC ION' 'Zn 2'
#
# COMPACT_ATOMS: atom_id res chain seq x y z
N ARG A 11 7.17 23.41 -5.50
CA ARG A 11 6.69 22.11 -5.05
C ARG A 11 7.28 21.76 -3.69
N PRO A 12 6.41 21.51 -2.71
CA PRO A 12 6.90 21.17 -1.37
C PRO A 12 7.40 19.74 -1.25
N ARG A 13 8.24 19.53 -0.24
CA ARG A 13 8.72 18.20 0.10
C ARG A 13 7.57 17.28 0.49
N PHE A 14 6.73 17.74 1.43
CA PHE A 14 5.60 16.93 1.90
C PHE A 14 4.58 17.88 2.54
N SER A 15 3.39 18.00 1.95
CA SER A 15 2.34 18.88 2.48
C SER A 15 0.99 18.19 2.40
N PHE A 16 0.45 17.77 3.54
CA PHE A 16 -0.82 17.06 3.63
C PHE A 16 -1.91 18.02 4.06
N SER A 17 -2.94 18.14 3.23
N SER A 17 -3.00 18.09 3.28
CA SER A 17 -4.09 19.00 3.49
CA SER A 17 -4.08 19.04 3.51
C SER A 17 -5.33 18.13 3.52
C SER A 17 -5.41 18.33 3.42
N ILE A 18 -6.18 18.35 4.50
CA ILE A 18 -7.49 17.71 4.57
C ILE A 18 -8.52 18.72 4.07
N ALA A 19 -9.21 18.37 2.98
CA ALA A 19 -10.16 19.31 2.38
C ALA A 19 -11.59 19.09 2.85
N ALA A 20 -11.94 17.89 3.28
CA ALA A 20 -13.29 17.61 3.75
C ALA A 20 -13.26 16.39 4.66
N ARG A 21 -14.25 16.31 5.56
N ARG A 21 -14.25 16.32 5.55
CA ARG A 21 -14.34 15.22 6.51
CA ARG A 21 -14.38 15.24 6.51
C ARG A 21 -15.79 14.80 6.72
C ARG A 21 -15.82 14.75 6.54
N GLU A 22 -15.99 13.51 7.00
CA GLU A 22 -17.31 12.96 7.32
C GLU A 22 -17.09 11.87 8.35
N GLY A 23 -17.56 12.10 9.57
CA GLY A 23 -17.23 11.18 10.65
C GLY A 23 -15.73 11.11 10.82
N LYS A 24 -15.18 9.89 10.85
CA LYS A 24 -13.74 9.71 10.90
C LYS A 24 -13.09 9.78 9.52
N ALA A 25 -13.86 9.69 8.45
CA ALA A 25 -13.29 9.70 7.11
C ALA A 25 -12.77 11.08 6.75
N ARG A 26 -11.68 11.12 6.00
CA ARG A 26 -11.12 12.36 5.50
C ARG A 26 -10.77 12.22 4.03
N THR A 27 -10.76 13.34 3.32
CA THR A 27 -10.26 13.37 1.95
C THR A 27 -9.45 14.63 1.73
N GLY A 28 -8.38 14.52 0.95
CA GLY A 28 -7.48 15.64 0.74
C GLY A 28 -6.33 15.35 -0.21
N THR A 29 -5.18 15.99 0.00
CA THR A 29 -4.05 15.79 -0.90
C THR A 29 -2.75 15.78 -0.12
N ILE A 30 -1.76 15.10 -0.69
CA ILE A 30 -0.36 15.16 -0.25
C ILE A 30 0.44 15.71 -1.42
N GLU A 31 1.03 16.89 -1.25
CA GLU A 31 1.88 17.47 -2.28
C GLU A 31 3.33 17.12 -1.99
N MET A 32 4.02 16.60 -3.01
CA MET A 32 5.41 16.19 -2.93
C MET A 32 6.15 16.70 -4.17
N LYS A 33 7.48 16.59 -4.15
CA LYS A 33 8.29 17.13 -5.25
C LYS A 33 7.89 16.52 -6.59
N ARG A 34 7.63 15.21 -6.61
CA ARG A 34 7.34 14.53 -7.86
C ARG A 34 5.85 14.43 -8.17
N GLY A 35 4.97 15.03 -7.39
CA GLY A 35 3.57 15.05 -7.77
C GLY A 35 2.64 15.12 -6.58
N VAL A 36 1.34 15.19 -6.90
CA VAL A 36 0.27 15.28 -5.91
C VAL A 36 -0.38 13.92 -5.75
N ILE A 37 -0.62 13.55 -4.51
N ILE A 37 -0.69 13.57 -4.50
CA ILE A 37 -1.29 12.31 -4.13
CA ILE A 37 -1.28 12.27 -4.15
C ILE A 37 -2.69 12.69 -3.65
C ILE A 37 -2.67 12.52 -3.56
N ARG A 38 -3.71 12.11 -4.28
CA ARG A 38 -5.08 12.31 -3.82
C ARG A 38 -5.44 11.24 -2.78
N THR A 39 -5.98 11.69 -1.63
CA THR A 39 -6.35 10.77 -0.55
C THR A 39 -7.87 10.79 -0.25
N PRO A 40 -8.44 9.62 0.12
CA PRO A 40 -7.75 8.32 0.24
C PRO A 40 -7.14 7.78 -1.06
N ALA A 41 -5.93 7.24 -0.95
CA ALA A 41 -5.13 6.78 -2.09
C ALA A 41 -4.90 5.27 -2.06
N PHE A 42 -4.92 4.63 -3.24
CA PHE A 42 -4.48 3.26 -3.36
C PHE A 42 -3.18 3.21 -4.18
N MET A 43 -2.16 2.55 -3.62
CA MET A 43 -0.87 2.38 -4.28
C MET A 43 -0.78 0.99 -4.92
N PRO A 44 -0.75 0.88 -6.26
CA PRO A 44 -0.40 -0.40 -6.88
C PRO A 44 0.98 -0.84 -6.43
N VAL A 45 1.18 -2.15 -6.32
CA VAL A 45 2.43 -2.69 -5.81
C VAL A 45 3.36 -3.03 -6.95
N GLY A 46 4.61 -2.54 -6.87
CA GLY A 46 5.60 -2.71 -7.91
C GLY A 46 6.88 -3.31 -7.36
N THR A 47 6.73 -4.48 -6.75
CA THR A 47 7.74 -5.01 -5.83
C THR A 47 9.10 -5.21 -6.51
N ALA A 48 9.13 -5.75 -7.72
CA ALA A 48 10.38 -6.00 -8.46
C ALA A 48 10.68 -4.90 -9.47
N ALA A 49 10.42 -3.64 -9.11
CA ALA A 49 10.64 -2.50 -10.01
C ALA A 49 9.75 -2.59 -11.24
N THR A 50 8.58 -3.20 -11.08
CA THR A 50 7.54 -3.18 -12.10
C THR A 50 6.20 -3.49 -11.42
N VAL A 51 5.15 -2.78 -11.83
CA VAL A 51 3.79 -3.20 -11.47
C VAL A 51 3.46 -4.28 -12.49
N LYS A 52 3.23 -5.51 -12.00
N LYS A 52 3.23 -5.51 -12.00
CA LYS A 52 3.29 -6.70 -12.84
CA LYS A 52 3.28 -6.68 -12.87
C LYS A 52 2.32 -6.61 -14.03
C LYS A 52 2.33 -6.56 -14.04
N ALA A 53 2.87 -6.72 -15.25
CA ALA A 53 2.14 -6.77 -16.53
C ALA A 53 1.66 -5.40 -17.01
N LEU A 54 2.14 -4.30 -16.43
CA LEU A 54 1.73 -2.96 -16.85
C LEU A 54 2.95 -2.07 -17.08
N LYS A 55 2.91 -1.33 -18.16
CA LYS A 55 3.83 -0.21 -18.33
C LYS A 55 3.47 0.90 -17.35
N PRO A 56 4.45 1.64 -16.86
CA PRO A 56 4.15 2.81 -16.02
C PRO A 56 3.11 3.76 -16.60
N GLU A 57 3.12 3.96 -17.92
CA GLU A 57 2.12 4.87 -18.50
C GLU A 57 0.71 4.30 -18.29
N THR A 58 0.58 2.98 -18.35
CA THR A 58 -0.71 2.35 -18.11
C THR A 58 -1.10 2.44 -16.64
N VAL A 59 -0.14 2.27 -15.72
CA VAL A 59 -0.43 2.48 -14.32
C VAL A 59 -0.99 3.89 -14.10
N ARG A 60 -0.32 4.90 -14.69
CA ARG A 60 -0.78 6.28 -14.52
C ARG A 60 -2.16 6.47 -15.16
N ALA A 61 -2.42 5.78 -16.26
CA ALA A 61 -3.68 5.98 -16.97
C ALA A 61 -4.86 5.55 -16.11
N THR A 62 -4.66 4.53 -15.28
CA THR A 62 -5.74 4.00 -14.44
C THR A 62 -6.09 4.99 -13.33
N GLY A 63 -5.23 5.97 -13.07
CA GLY A 63 -5.45 7.02 -12.08
C GLY A 63 -4.46 7.03 -10.93
N ALA A 64 -3.53 6.07 -10.87
CA ALA A 64 -2.60 5.99 -9.74
C ALA A 64 -1.74 7.23 -9.65
N ASP A 65 -1.59 7.76 -8.43
CA ASP A 65 -0.71 8.90 -8.16
C ASP A 65 0.65 8.49 -7.60
N ILE A 66 0.74 7.27 -7.09
CA ILE A 66 1.92 6.79 -6.34
C ILE A 66 1.87 5.28 -6.37
N ILE A 67 3.05 4.67 -6.43
CA ILE A 67 3.17 3.22 -6.40
C ILE A 67 4.09 2.82 -5.26
N LEU A 68 4.09 1.52 -4.94
CA LEU A 68 4.90 0.99 -3.84
C LEU A 68 6.01 0.09 -4.35
N GLY A 69 7.23 0.30 -3.85
CA GLY A 69 8.35 -0.60 -4.10
C GLY A 69 8.82 -1.21 -2.79
N ASN A 70 9.74 -2.17 -2.89
CA ASN A 70 10.09 -3.02 -1.76
C ASN A 70 11.60 -3.00 -1.53
N THR A 71 12.01 -2.63 -0.31
CA THR A 71 13.43 -2.63 0.05
C THR A 71 14.00 -4.05 0.01
N TYR A 72 13.28 -5.03 0.56
CA TYR A 72 13.82 -6.38 0.66
C TYR A 72 14.07 -6.98 -0.72
N HIS A 73 13.11 -6.81 -1.64
CA HIS A 73 13.27 -7.41 -2.96
C HIS A 73 14.36 -6.71 -3.77
N LEU A 74 14.30 -5.37 -3.84
CA LEU A 74 15.24 -4.65 -4.69
C LEU A 74 16.68 -4.73 -4.17
N MET A 75 16.87 -4.91 -2.86
CA MET A 75 18.26 -5.05 -2.39
C MET A 75 18.87 -6.38 -2.82
N LEU A 76 18.03 -7.39 -3.08
CA LEU A 76 18.50 -8.68 -3.57
C LEU A 76 18.70 -8.65 -5.08
N ARG A 77 17.72 -8.11 -5.79
CA ARG A 77 17.73 -8.13 -7.24
C ARG A 77 16.96 -6.92 -7.74
N PRO A 78 17.63 -6.05 -8.50
CA PRO A 78 19.00 -6.16 -9.00
C PRO A 78 20.06 -5.56 -8.10
N GLY A 79 19.69 -5.15 -6.88
CA GLY A 79 20.63 -4.55 -5.95
C GLY A 79 20.51 -3.04 -5.85
N ALA A 80 20.59 -2.53 -4.62
CA ALA A 80 20.33 -1.11 -4.41
C ALA A 80 21.50 -0.25 -4.90
N GLU A 81 22.73 -0.68 -4.65
CA GLU A 81 23.88 0.06 -5.18
C GLU A 81 23.81 0.16 -6.69
N ARG A 82 23.42 -0.93 -7.35
CA ARG A 82 23.29 -0.95 -8.81
C ARG A 82 22.22 0.04 -9.28
N ILE A 83 21.03 0.00 -8.67
CA ILE A 83 19.97 0.92 -9.08
C ILE A 83 20.43 2.37 -8.92
N ALA A 84 21.15 2.66 -7.84
CA ALA A 84 21.67 4.02 -7.66
C ALA A 84 22.62 4.38 -8.78
N LYS A 85 23.52 3.45 -9.16
CA LYS A 85 24.47 3.73 -10.22
C LYS A 85 23.77 3.98 -11.56
N LEU A 86 22.65 3.30 -11.82
CA LEU A 86 21.90 3.48 -13.05
C LEU A 86 20.93 4.64 -13.01
N GLY A 87 20.97 5.47 -11.96
CA GLY A 87 20.20 6.70 -11.90
C GLY A 87 19.04 6.73 -10.92
N GLY A 88 18.79 5.67 -10.16
CA GLY A 88 17.69 5.65 -9.21
C GLY A 88 16.51 4.82 -9.72
N LEU A 89 15.58 4.52 -8.81
CA LEU A 89 14.45 3.65 -9.16
C LEU A 89 13.50 4.32 -10.16
N HIS A 90 13.26 5.62 -10.00
CA HIS A 90 12.33 6.30 -10.90
C HIS A 90 12.80 6.19 -12.35
N SER A 91 14.08 6.54 -12.59
CA SER A 91 14.66 6.47 -13.93
C SER A 91 14.72 5.02 -14.43
N PHE A 92 15.14 4.12 -13.54
CA PHE A 92 15.30 2.70 -13.88
C PHE A 92 14.01 2.11 -14.45
N MET A 93 12.89 2.31 -13.77
CA MET A 93 11.63 1.68 -14.21
C MET A 93 10.75 2.59 -15.06
N GLY A 94 11.08 3.88 -15.16
CA GLY A 94 10.26 4.77 -15.97
C GLY A 94 8.99 5.30 -15.33
N TRP A 95 8.99 5.45 -14.00
CA TRP A 95 7.88 6.04 -13.25
C TRP A 95 8.42 7.29 -12.58
N ASP A 96 7.92 8.47 -12.98
CA ASP A 96 8.54 9.73 -12.53
C ASP A 96 7.76 10.40 -11.41
N ARG A 97 6.75 9.73 -10.87
CA ARG A 97 5.89 10.22 -9.79
C ARG A 97 6.33 9.66 -8.45
N PRO A 98 5.65 9.96 -7.35
CA PRO A 98 6.12 9.47 -6.05
C PRO A 98 6.13 7.94 -5.96
N ILE A 99 7.10 7.43 -5.20
CA ILE A 99 7.23 6.03 -4.85
C ILE A 99 7.39 5.92 -3.34
N LEU A 100 6.56 5.09 -2.70
CA LEU A 100 6.75 4.69 -1.31
C LEU A 100 7.46 3.35 -1.27
N THR A 101 8.45 3.20 -0.37
CA THR A 101 9.16 1.93 -0.24
C THR A 101 8.93 1.35 1.15
N ASP A 102 8.38 0.13 1.19
CA ASP A 102 8.38 -0.62 2.44
C ASP A 102 9.82 -0.86 2.85
N SER A 103 10.05 -1.00 4.14
CA SER A 103 11.40 -0.91 4.70
C SER A 103 12.09 -2.25 4.83
N GLY A 104 11.38 -3.36 4.65
CA GLY A 104 11.97 -4.67 4.60
C GLY A 104 11.60 -5.57 5.76
N GLY A 105 10.97 -5.03 6.81
CA GLY A 105 10.69 -5.85 7.98
C GLY A 105 9.69 -6.97 7.72
N TYR A 106 8.62 -6.65 6.99
CA TYR A 106 7.56 -7.64 6.77
C TYR A 106 8.00 -8.71 5.79
N GLN A 107 8.76 -8.35 4.75
CA GLN A 107 9.23 -9.34 3.80
C GLN A 107 10.37 -10.18 4.35
N VAL A 108 11.17 -9.63 5.26
CA VAL A 108 12.18 -10.44 5.93
C VAL A 108 11.52 -11.58 6.69
N MET A 109 10.46 -11.26 7.43
CA MET A 109 9.71 -12.27 8.17
C MET A 109 8.96 -13.23 7.26
N SER A 110 8.47 -12.76 6.12
CA SER A 110 7.56 -13.56 5.30
C SER A 110 8.29 -14.47 4.32
N LEU A 111 9.36 -13.98 3.70
CA LEU A 111 10.01 -14.70 2.62
C LEU A 111 11.36 -15.30 2.99
N SER A 112 12.14 -14.64 3.84
CA SER A 112 13.48 -15.09 4.14
C SER A 112 13.47 -16.21 5.18
N LYS A 116 17.65 -15.06 13.10
CA LYS A 116 18.88 -14.43 13.57
C LYS A 116 18.69 -12.93 13.78
N GLN A 117 17.83 -12.58 14.73
CA GLN A 117 17.53 -11.19 15.04
C GLN A 117 18.25 -10.78 16.33
N SER A 118 18.48 -9.48 16.45
CA SER A 118 19.09 -8.91 17.64
C SER A 118 18.60 -7.48 17.80
N GLU A 119 19.13 -6.80 18.80
CA GLU A 119 18.82 -5.37 18.93
C GLU A 119 19.48 -4.56 17.83
N GLU A 120 20.61 -5.02 17.29
CA GLU A 120 21.25 -4.26 16.23
C GLU A 120 20.45 -4.33 14.93
N GLY A 121 19.90 -5.50 14.63
CA GLY A 121 19.21 -5.70 13.36
C GLY A 121 18.95 -7.18 13.14
N VAL A 122 18.89 -7.55 11.85
CA VAL A 122 18.55 -8.91 11.47
C VAL A 122 19.48 -9.35 10.35
N THR A 123 19.97 -10.60 10.45
CA THR A 123 20.66 -11.27 9.35
C THR A 123 19.75 -12.37 8.84
N PHE A 124 19.79 -12.61 7.53
CA PHE A 124 18.85 -13.54 6.92
C PHE A 124 19.43 -14.13 5.64
N LYS A 125 18.77 -15.16 5.14
CA LYS A 125 19.15 -15.82 3.89
C LYS A 125 18.20 -15.40 2.77
N SER A 126 18.76 -15.24 1.56
CA SER A 126 17.98 -14.80 0.42
C SER A 126 16.94 -15.84 0.03
N HIS A 127 15.90 -15.36 -0.67
CA HIS A 127 14.82 -16.21 -1.13
C HIS A 127 15.28 -17.09 -2.29
N GLY A 130 20.81 -18.58 -2.80
CA GLY A 130 20.27 -17.88 -1.64
C GLY A 130 21.34 -17.43 -0.67
N SER A 131 21.90 -16.24 -0.91
CA SER A 131 23.00 -15.72 -0.12
C SER A 131 22.49 -15.17 1.21
N ARG A 132 23.44 -14.83 2.09
CA ARG A 132 23.11 -14.23 3.38
C ARG A 132 23.19 -12.71 3.28
N HIS A 133 22.28 -12.03 3.96
CA HIS A 133 22.20 -10.57 3.89
C HIS A 133 21.88 -10.03 5.28
N MET A 134 21.95 -8.70 5.40
CA MET A 134 21.76 -8.03 6.68
C MET A 134 20.86 -6.81 6.50
N LEU A 135 20.03 -6.54 7.50
CA LEU A 135 19.21 -5.35 7.55
C LEU A 135 19.22 -4.77 8.96
N SER A 136 19.14 -3.45 9.02
CA SER A 136 19.07 -2.70 10.27
C SER A 136 18.35 -1.41 9.96
N PRO A 137 17.94 -0.66 10.99
CA PRO A 137 17.31 0.66 10.70
C PRO A 137 18.18 1.54 9.82
N GLU A 138 19.47 1.67 10.13
CA GLU A 138 20.34 2.52 9.33
C GLU A 138 20.55 1.95 7.92
N ARG A 139 20.72 0.63 7.80
CA ARG A 139 20.89 0.01 6.49
C ARG A 139 19.61 0.09 5.67
N SER A 140 18.44 -0.01 6.30
CA SER A 140 17.21 0.10 5.53
C SER A 140 17.02 1.52 4.99
N ILE A 141 17.33 2.53 5.80
CA ILE A 141 17.18 3.91 5.34
C ILE A 141 18.16 4.22 4.21
N GLU A 142 19.39 3.70 4.31
CA GLU A 142 20.38 3.94 3.26
C GLU A 142 19.98 3.26 1.95
N ILE A 143 19.43 2.04 2.01
CA ILE A 143 18.94 1.41 0.78
C ILE A 143 17.85 2.26 0.15
N GLN A 144 16.94 2.79 0.96
CA GLN A 144 15.85 3.60 0.41
C GLN A 144 16.37 4.93 -0.14
N HIS A 145 17.46 5.46 0.43
CA HIS A 145 18.10 6.60 -0.21
C HIS A 145 18.68 6.21 -1.56
N LEU A 146 19.37 5.07 -1.62
CA LEU A 146 19.98 4.60 -2.87
C LEU A 146 18.92 4.43 -3.94
N LEU A 147 17.78 3.86 -3.57
CA LEU A 147 16.67 3.70 -4.51
C LEU A 147 16.05 5.04 -4.89
N GLY A 148 16.18 6.07 -4.05
CA GLY A 148 15.56 7.35 -4.34
C GLY A 148 14.10 7.45 -3.97
N SER A 149 13.64 6.65 -3.00
CA SER A 149 12.25 6.65 -2.59
C SER A 149 11.80 8.03 -2.13
N ASP A 150 10.54 8.37 -2.45
CA ASP A 150 9.93 9.62 -1.99
C ASP A 150 9.33 9.51 -0.60
N ILE A 151 8.62 8.42 -0.30
CA ILE A 151 8.15 8.15 1.05
C ILE A 151 8.93 6.94 1.54
N VAL A 152 9.76 7.17 2.57
CA VAL A 152 10.62 6.19 3.22
C VAL A 152 9.89 5.67 4.45
N MET A 153 9.91 4.35 4.65
CA MET A 153 9.31 3.74 5.82
C MET A 153 10.37 3.39 6.86
N ALA A 154 10.06 3.64 8.13
CA ALA A 154 10.94 3.25 9.22
C ALA A 154 11.03 1.74 9.30
N PHE A 155 12.21 1.24 9.65
CA PHE A 155 12.46 -0.20 9.72
C PHE A 155 12.05 -0.71 11.10
N ASP A 156 11.30 -1.81 11.11
CA ASP A 156 10.78 -2.32 12.38
C ASP A 156 10.87 -3.84 12.40
N GLU A 157 10.40 -4.43 13.50
CA GLU A 157 10.46 -5.88 13.69
C GLU A 157 9.05 -6.44 13.81
N CYS A 158 8.60 -7.11 12.76
CA CYS A 158 7.29 -7.74 12.78
C CYS A 158 7.37 -9.10 13.45
N THR A 159 6.27 -9.47 14.13
CA THR A 159 6.16 -10.78 14.74
C THR A 159 4.96 -11.53 14.16
N PRO A 160 5.09 -12.82 13.91
CA PRO A 160 4.03 -13.56 13.20
C PRO A 160 2.70 -13.50 13.91
N TYR A 161 1.63 -13.72 13.15
CA TYR A 161 0.28 -13.82 13.68
C TYR A 161 -0.12 -15.29 13.79
N PRO A 162 -0.92 -15.66 14.81
CA PRO A 162 -1.46 -14.84 15.91
C PRO A 162 -0.52 -14.75 17.10
N ALA A 163 0.21 -13.64 17.19
CA ALA A 163 1.25 -13.49 18.19
C ALA A 163 0.65 -13.51 19.60
N THR A 164 1.42 -14.07 20.53
CA THR A 164 1.15 -14.01 21.96
C THR A 164 1.11 -12.56 22.40
N PRO A 165 0.60 -12.24 23.60
CA PRO A 165 0.70 -10.86 24.08
C PRO A 165 2.11 -10.43 24.39
N SER A 166 3.02 -11.36 24.68
CA SER A 166 4.42 -11.06 24.96
C SER A 166 5.25 -10.92 23.69
N ARG A 167 4.98 -11.73 22.67
CA ARG A 167 5.67 -11.57 21.38
C ARG A 167 5.31 -10.23 20.75
N ALA A 168 4.14 -9.68 21.06
CA ALA A 168 3.73 -8.41 20.49
C ALA A 168 4.38 -7.22 21.19
N ALA A 169 4.41 -7.23 22.52
CA ALA A 169 4.99 -6.11 23.26
C ALA A 169 6.50 -6.02 23.04
N SER A 170 7.17 -7.17 22.92
CA SER A 170 8.62 -7.14 22.70
C SER A 170 8.95 -6.65 21.29
N SER A 171 8.20 -7.11 20.29
CA SER A 171 8.43 -6.63 18.92
C SER A 171 8.08 -5.16 18.79
N MET A 172 7.02 -4.72 19.47
CA MET A 172 6.62 -3.32 19.39
C MET A 172 7.64 -2.39 20.03
N GLU A 173 8.09 -2.74 21.24
CA GLU A 173 9.07 -1.90 21.93
C GLU A 173 10.35 -1.77 21.12
N ARG A 174 10.86 -2.88 20.60
CA ARG A 174 12.04 -2.81 19.75
C ARG A 174 11.78 -1.97 18.51
N SER A 175 10.61 -2.14 17.90
CA SER A 175 10.27 -1.36 16.72
C SER A 175 10.26 0.12 17.01
N MET A 176 9.90 0.51 18.24
CA MET A 176 9.88 1.93 18.58
C MET A 176 11.28 2.47 18.78
N ARG A 177 12.18 1.65 19.34
CA ARG A 177 13.59 2.01 19.38
C ARG A 177 14.17 2.10 17.98
N TRP A 178 13.76 1.16 17.10
CA TRP A 178 14.21 1.18 15.71
C TRP A 178 13.62 2.35 14.95
N ALA A 179 12.43 2.81 15.37
CA ALA A 179 11.83 3.99 14.76
C ALA A 179 12.65 5.24 15.04
N LYS A 180 13.25 5.30 16.23
CA LYS A 180 14.13 6.42 16.56
C LYS A 180 15.41 6.39 15.74
N ARG A 181 16.03 5.22 15.59
CA ARG A 181 17.22 5.11 14.77
C ARG A 181 16.92 5.37 13.29
N SER A 182 15.73 5.01 12.81
CA SER A 182 15.36 5.33 11.44
C SER A 182 15.25 6.84 11.25
N ARG A 183 14.58 7.51 12.18
CA ARG A 183 14.48 8.98 12.15
C ARG A 183 15.85 9.62 12.08
N ASP A 184 16.78 9.19 12.95
CA ASP A 184 18.10 9.81 13.01
C ASP A 184 18.91 9.52 11.74
N ALA A 185 18.78 8.31 11.20
CA ALA A 185 19.51 7.97 9.98
C ALA A 185 19.00 8.77 8.79
N PHE A 186 17.68 8.89 8.69
CA PHE A 186 17.06 9.73 7.66
C PHE A 186 17.49 11.18 7.82
N ASP A 187 17.39 11.71 9.05
CA ASP A 187 17.75 13.11 9.29
C ASP A 187 19.23 13.39 9.08
N SER A 188 20.09 12.37 9.23
CA SER A 188 21.52 12.53 8.99
C SER A 188 21.91 12.50 7.52
N ARG A 189 20.94 12.41 6.61
N ARG A 189 20.95 12.39 6.61
CA ARG A 189 21.21 12.38 5.18
CA ARG A 189 21.22 12.37 5.17
C ARG A 189 20.49 13.55 4.53
C ARG A 189 20.49 13.56 4.55
N LYS A 190 21.26 14.60 4.18
CA LYS A 190 20.67 15.89 3.83
C LYS A 190 19.76 15.81 2.60
N GLU A 191 20.17 15.07 1.56
CA GLU A 191 19.35 14.98 0.36
C GLU A 191 18.05 14.25 0.63
N GLN A 192 18.09 13.25 1.53
CA GLN A 192 16.87 12.54 1.89
C GLN A 192 15.94 13.44 2.72
N ALA A 193 16.46 14.07 3.77
CA ALA A 193 15.63 14.84 4.67
C ALA A 193 14.98 16.03 3.97
N GLU A 194 15.63 16.57 2.94
CA GLU A 194 15.09 17.74 2.25
C GLU A 194 14.13 17.41 1.11
N ASN A 195 14.22 16.21 0.52
CA ASN A 195 13.42 15.91 -0.64
C ASN A 195 12.43 14.76 -0.46
N ALA A 196 12.54 13.99 0.62
CA ALA A 196 11.71 12.81 0.85
C ALA A 196 11.00 12.95 2.18
N ALA A 197 10.09 12.00 2.47
CA ALA A 197 9.36 12.01 3.72
C ALA A 197 9.56 10.67 4.44
N LEU A 198 9.31 10.67 5.76
CA LEU A 198 9.54 9.47 6.57
C LEU A 198 8.26 9.14 7.35
N PHE A 199 7.79 7.90 7.22
CA PHE A 199 6.65 7.39 7.98
C PHE A 199 7.09 6.43 9.06
N GLY A 200 6.43 6.49 10.22
CA GLY A 200 6.63 5.51 11.27
C GLY A 200 5.49 4.51 11.26
N ILE A 201 5.71 3.35 11.86
CA ILE A 201 4.80 2.20 11.78
C ILE A 201 4.34 1.85 13.19
N GLN A 202 3.05 2.05 13.46
CA GLN A 202 2.44 1.63 14.73
C GLN A 202 2.34 0.11 14.78
N GLN A 203 2.81 -0.46 15.87
CA GLN A 203 2.64 -1.89 16.15
C GLN A 203 1.84 -2.05 17.45
N GLY A 204 1.82 -3.27 17.96
CA GLY A 204 1.05 -3.60 19.15
C GLY A 204 -0.01 -4.66 18.95
N SER A 205 -0.12 -5.26 17.77
CA SER A 205 -1.03 -6.39 17.51
C SER A 205 -2.47 -5.93 17.80
N VAL A 206 -3.28 -6.72 18.50
CA VAL A 206 -4.67 -6.36 18.75
C VAL A 206 -4.86 -5.75 20.14
N PHE A 207 -3.78 -5.40 20.82
CA PHE A 207 -3.84 -4.98 22.21
C PHE A 207 -3.90 -3.46 22.28
N GLU A 208 -4.99 -2.95 22.85
CA GLU A 208 -5.23 -1.51 22.85
C GLU A 208 -4.15 -0.74 23.60
N ASN A 209 -3.68 -1.29 24.72
CA ASN A 209 -2.67 -0.58 25.50
C ASN A 209 -1.33 -0.55 24.77
N LEU A 210 -0.96 -1.64 24.10
CA LEU A 210 0.28 -1.65 23.33
C LEU A 210 0.19 -0.72 22.13
N ARG A 211 -0.98 -0.68 21.48
CA ARG A 211 -1.18 0.26 20.36
C ARG A 211 -1.04 1.70 20.83
N GLN A 212 -1.53 2.00 22.03
CA GLN A 212 -1.36 3.35 22.57
C GLN A 212 0.11 3.66 22.87
N GLN A 213 0.82 2.72 23.49
CA GLN A 213 2.23 2.94 23.76
C GLN A 213 3.00 3.16 22.47
N SER A 214 2.67 2.41 21.42
CA SER A 214 3.33 2.61 20.14
C SER A 214 3.02 4.00 19.60
N ALA A 215 1.75 4.39 19.59
CA ALA A 215 1.36 5.68 19.06
C ALA A 215 2.07 6.83 19.76
N ASP A 216 2.15 6.78 21.09
CA ASP A 216 2.82 7.84 21.84
C ASP A 216 4.31 7.92 21.48
N ALA A 217 4.98 6.76 21.40
CA ALA A 217 6.40 6.76 21.06
C ALA A 217 6.65 7.36 19.69
N LEU A 218 5.82 7.01 18.71
CA LEU A 218 5.99 7.54 17.36
C LEU A 218 5.69 9.03 17.29
N ALA A 219 4.65 9.47 18.00
CA ALA A 219 4.35 10.89 18.04
C ALA A 219 5.42 11.66 18.81
N GLU A 220 6.03 11.03 19.81
CA GLU A 220 7.16 11.65 20.49
C GLU A 220 8.31 11.92 19.51
N ILE A 221 8.60 10.95 18.64
CA ILE A 221 9.68 11.12 17.68
C ILE A 221 9.29 12.16 16.63
N GLY A 222 8.08 12.02 16.07
CA GLY A 222 7.60 12.90 15.03
C GLY A 222 7.89 12.38 13.64
N PHE A 223 6.85 12.12 12.87
CA PHE A 223 6.98 11.64 11.50
C PHE A 223 6.07 12.45 10.59
N ASP A 224 6.31 12.32 9.29
CA ASP A 224 5.44 12.93 8.29
C ASP A 224 4.13 12.19 8.15
N GLY A 225 4.11 10.90 8.47
CA GLY A 225 2.90 10.10 8.38
C GLY A 225 3.06 8.88 9.25
N TYR A 226 1.94 8.20 9.50
CA TYR A 226 1.90 7.10 10.45
C TYR A 226 1.16 5.93 9.83
N ALA A 227 1.81 4.79 9.77
CA ALA A 227 1.20 3.59 9.25
C ALA A 227 0.67 2.75 10.40
N VAL A 228 -0.39 1.99 10.12
CA VAL A 228 -0.90 0.98 11.02
C VAL A 228 -0.35 -0.35 10.55
N GLY A 229 0.64 -0.89 11.28
CA GLY A 229 1.20 -2.18 10.96
C GLY A 229 0.51 -3.30 11.72
N GLY A 230 0.91 -4.52 11.40
CA GLY A 230 0.44 -5.68 12.13
C GLY A 230 -0.98 -6.12 11.83
N LEU A 231 -1.57 -5.63 10.75
CA LEU A 231 -2.88 -6.08 10.28
C LEU A 231 -2.71 -6.69 8.89
N ALA A 232 -3.80 -7.20 8.32
CA ALA A 232 -3.77 -7.93 7.06
C ALA A 232 -2.80 -9.11 7.16
N VAL A 233 -2.89 -9.84 8.26
CA VAL A 233 -2.00 -10.96 8.54
C VAL A 233 -2.80 -12.23 8.79
N GLY A 234 -4.08 -12.22 8.44
CA GLY A 234 -4.94 -13.36 8.69
C GLY A 234 -5.71 -13.24 9.98
N GLU A 235 -6.14 -12.03 10.31
CA GLU A 235 -6.87 -11.76 11.55
C GLU A 235 -8.37 -11.67 11.34
N GLY A 236 -8.84 -11.57 10.11
CA GLY A 236 -10.26 -11.38 9.89
C GLY A 236 -10.64 -9.91 9.86
N GLN A 237 -11.63 -9.59 9.03
CA GLN A 237 -12.02 -8.19 8.88
C GLN A 237 -12.64 -7.65 10.16
N ASP A 238 -13.44 -8.45 10.86
CA ASP A 238 -14.06 -8.00 12.09
C ASP A 238 -13.02 -7.63 13.13
N GLU A 239 -11.96 -8.42 13.25
CA GLU A 239 -10.88 -8.09 14.17
C GLU A 239 -10.08 -6.89 13.68
N MET A 240 -9.81 -6.83 12.37
CA MET A 240 -9.08 -5.68 11.83
C MET A 240 -9.85 -4.39 12.09
N PHE A 241 -11.15 -4.40 11.76
CA PHE A 241 -12.00 -3.24 12.02
C PHE A 241 -12.02 -2.90 13.51
N ARG A 242 -12.09 -3.92 14.37
CA ARG A 242 -12.06 -3.69 15.80
C ARG A 242 -10.76 -3.01 16.22
N VAL A 243 -9.62 -3.46 15.70
CA VAL A 243 -8.35 -2.84 16.06
C VAL A 243 -8.29 -1.42 15.50
N LEU A 244 -8.79 -1.20 14.28
CA LEU A 244 -8.76 0.14 13.72
C LEU A 244 -9.60 1.12 14.54
N ASP A 245 -10.72 0.64 15.09
CA ASP A 245 -11.65 1.51 15.82
C ASP A 245 -10.94 2.32 16.90
N PHE A 246 -10.05 1.68 17.67
CA PHE A 246 -9.33 2.43 18.69
C PHE A 246 -7.93 2.87 18.26
N SER A 247 -7.34 2.27 17.22
CA SER A 247 -5.94 2.53 16.94
C SER A 247 -5.72 3.81 16.14
N VAL A 248 -6.55 4.03 15.10
CA VAL A 248 -6.39 5.24 14.29
C VAL A 248 -6.58 6.51 15.11
N PRO A 249 -7.54 6.63 16.03
CA PRO A 249 -7.66 7.86 16.81
C PRO A 249 -6.45 8.14 17.70
N MET A 250 -5.57 7.16 17.90
CA MET A 250 -4.35 7.41 18.66
C MET A 250 -3.30 8.14 17.84
N LEU A 251 -3.38 8.08 16.51
CA LEU A 251 -2.40 8.70 15.64
C LEU A 251 -2.69 10.20 15.50
N PRO A 252 -1.66 11.00 15.21
CA PRO A 252 -1.90 12.43 14.97
C PRO A 252 -2.92 12.64 13.86
N ASP A 253 -3.97 13.40 14.19
CA ASP A 253 -5.04 13.65 13.24
C ASP A 253 -4.55 14.37 12.00
N ASP A 254 -3.57 15.26 12.14
CA ASP A 254 -3.14 16.14 11.06
C ASP A 254 -2.11 15.52 10.12
N LYS A 255 -1.79 14.25 10.30
CA LYS A 255 -0.87 13.53 9.44
C LYS A 255 -1.59 12.39 8.73
N PRO A 256 -1.09 11.92 7.59
CA PRO A 256 -1.74 10.81 6.88
C PRO A 256 -1.65 9.50 7.67
N HIS A 257 -2.64 8.64 7.45
CA HIS A 257 -2.72 7.33 8.10
C HIS A 257 -2.69 6.25 7.03
N TYR A 258 -1.72 5.36 7.11
CA TYR A 258 -1.45 4.37 6.06
C TYR A 258 -1.67 2.96 6.61
N LEU A 259 -2.62 2.22 6.04
CA LEU A 259 -2.88 0.84 6.45
C LEU A 259 -2.14 -0.11 5.50
N MET A 260 -1.09 -0.75 5.99
CA MET A 260 -0.22 -1.52 5.12
C MET A 260 -0.87 -2.86 4.75
N GLY A 261 -0.83 -3.20 3.46
CA GLY A 261 -1.25 -4.51 2.99
C GLY A 261 -2.75 -4.71 2.78
N VAL A 262 -3.55 -3.65 2.85
CA VAL A 262 -5.01 -3.77 2.75
C VAL A 262 -5.49 -3.04 1.50
N GLY A 263 -6.38 -3.62 0.70
CA GLY A 263 -6.95 -4.94 0.91
C GLY A 263 -8.09 -5.11 -0.08
N LYS A 264 -9.02 -6.01 0.25
CA LYS A 264 -10.22 -6.20 -0.56
C LYS A 264 -11.03 -4.90 -0.59
N PRO A 265 -11.85 -4.69 -1.63
CA PRO A 265 -12.62 -3.44 -1.72
C PRO A 265 -13.39 -3.09 -0.45
N ASP A 266 -14.10 -4.06 0.13
N ASP A 266 -14.12 -4.05 0.13
CA ASP A 266 -14.88 -3.77 1.33
CA ASP A 266 -14.87 -3.75 1.35
C ASP A 266 -13.98 -3.47 2.53
C ASP A 266 -13.95 -3.42 2.51
N ASP A 267 -12.76 -4.02 2.56
CA ASP A 267 -11.79 -3.66 3.59
C ASP A 267 -11.40 -2.19 3.49
N ILE A 268 -11.17 -1.72 2.27
CA ILE A 268 -10.78 -0.33 2.04
C ILE A 268 -11.88 0.62 2.50
N VAL A 269 -13.13 0.32 2.13
CA VAL A 269 -14.24 1.21 2.50
C VAL A 269 -14.37 1.30 4.02
N GLY A 270 -14.40 0.15 4.69
CA GLY A 270 -14.49 0.16 6.14
C GLY A 270 -13.30 0.84 6.80
N ALA A 271 -12.12 0.70 6.21
CA ALA A 271 -10.94 1.34 6.77
C ALA A 271 -11.00 2.85 6.63
N VAL A 272 -11.48 3.35 5.50
CA VAL A 272 -11.66 4.78 5.32
C VAL A 272 -12.68 5.31 6.33
N GLU A 273 -13.76 4.55 6.54
CA GLU A 273 -14.75 4.93 7.55
C GLU A 273 -14.15 5.07 8.93
N ARG A 274 -12.96 4.51 9.13
CA ARG A 274 -12.28 4.50 10.43
C ARG A 274 -11.03 5.38 10.42
N GLY A 275 -10.80 6.14 9.36
CA GLY A 275 -9.78 7.17 9.34
C GLY A 275 -8.50 6.90 8.55
N ILE A 276 -8.46 5.87 7.69
CA ILE A 276 -7.26 5.55 6.92
C ILE A 276 -7.24 6.34 5.62
N ASP A 277 -6.05 6.80 5.23
CA ASP A 277 -5.85 7.66 4.07
C ASP A 277 -5.11 7.00 2.92
N MET A 278 -4.36 5.94 3.17
CA MET A 278 -3.48 5.32 2.17
C MET A 278 -3.54 3.81 2.30
N PHE A 279 -3.40 3.13 1.14
CA PHE A 279 -3.58 1.69 1.03
C PHE A 279 -2.61 1.11 0.01
N ASP A 280 -2.26 -0.17 0.20
CA ASP A 280 -1.49 -0.94 -0.78
C ASP A 280 -1.87 -2.40 -0.66
N CYS A 281 -1.98 -3.10 -1.78
N CYS A 281 -1.99 -3.10 -1.80
CA CYS A 281 -2.14 -4.56 -1.70
CA CYS A 281 -2.28 -4.53 -1.75
C CYS A 281 -1.88 -5.16 -3.08
C CYS A 281 -1.94 -5.17 -3.10
N VAL A 282 -1.44 -6.41 -3.07
CA VAL A 282 -1.20 -7.13 -4.33
C VAL A 282 -2.45 -7.75 -4.93
N LEU A 283 -3.58 -7.70 -4.23
CA LEU A 283 -4.80 -8.40 -4.70
C LEU A 283 -5.23 -8.02 -6.12
N PRO A 284 -5.35 -6.74 -6.51
CA PRO A 284 -5.83 -6.49 -7.88
C PRO A 284 -4.89 -7.01 -8.95
N THR A 285 -3.58 -6.89 -8.73
CA THR A 285 -2.64 -7.43 -9.72
C THR A 285 -2.57 -8.96 -9.65
N ARG A 286 -2.32 -9.51 -8.47
CA ARG A 286 -2.10 -10.95 -8.36
C ARG A 286 -3.34 -11.73 -8.75
N SER A 287 -4.50 -11.34 -8.20
CA SER A 287 -5.70 -12.11 -8.52
C SER A 287 -6.17 -11.82 -9.93
N GLY A 288 -5.86 -10.64 -10.48
CA GLY A 288 -6.11 -10.41 -11.89
C GLY A 288 -5.43 -11.42 -12.80
N ARG A 289 -4.14 -11.67 -12.56
CA ARG A 289 -3.43 -12.69 -13.33
C ARG A 289 -4.02 -14.07 -13.13
N ASN A 290 -4.64 -14.31 -11.96
CA ASN A 290 -5.27 -15.60 -11.69
C ASN A 290 -6.67 -15.71 -12.31
N GLY A 291 -7.19 -14.64 -12.89
CA GLY A 291 -8.48 -14.66 -13.52
C GLY A 291 -9.62 -14.01 -12.76
N GLN A 292 -9.35 -13.39 -11.62
CA GLN A 292 -10.38 -12.72 -10.84
C GLN A 292 -10.48 -11.25 -11.25
N ALA A 293 -11.67 -10.83 -11.67
CA ALA A 293 -11.95 -9.46 -12.08
C ALA A 293 -12.91 -8.81 -11.10
N PHE A 294 -12.61 -7.58 -10.68
CA PHE A 294 -13.48 -6.89 -9.74
C PHE A 294 -14.56 -6.12 -10.50
N THR A 295 -15.79 -6.22 -10.03
CA THR A 295 -16.93 -5.49 -10.56
C THR A 295 -17.75 -4.92 -9.41
N TRP A 296 -18.60 -3.94 -9.73
CA TRP A 296 -19.46 -3.36 -8.70
C TRP A 296 -20.48 -4.36 -8.15
N ASP A 297 -20.68 -5.49 -8.83
CA ASP A 297 -21.53 -6.56 -8.32
C ASP A 297 -20.72 -7.68 -7.67
N GLY A 298 -19.46 -7.42 -7.34
CA GLY A 298 -18.61 -8.40 -6.70
C GLY A 298 -17.65 -9.02 -7.68
N PRO A 299 -16.66 -9.76 -7.18
CA PRO A 299 -15.67 -10.36 -8.08
C PRO A 299 -16.28 -11.47 -8.91
N ILE A 300 -15.66 -11.71 -10.06
CA ILE A 300 -16.02 -12.83 -10.93
C ILE A 300 -14.73 -13.54 -11.34
N ASN A 301 -14.83 -14.85 -11.60
CA ASN A 301 -13.69 -15.58 -12.17
C ASN A 301 -13.94 -15.70 -13.66
N ILE A 302 -13.16 -14.95 -14.44
CA ILE A 302 -13.36 -14.89 -15.87
C ILE A 302 -13.12 -16.24 -16.51
N ARG A 303 -12.45 -17.17 -15.81
CA ARG A 303 -12.28 -18.51 -16.38
C ARG A 303 -13.55 -19.33 -16.39
N ASN A 304 -14.57 -18.93 -15.61
CA ASN A 304 -15.77 -19.74 -15.53
C ASN A 304 -16.41 -19.91 -16.91
N ALA A 305 -16.94 -21.10 -17.17
CA ALA A 305 -17.51 -21.38 -18.48
C ALA A 305 -18.67 -20.45 -18.81
N ARG A 306 -19.32 -19.86 -17.81
CA ARG A 306 -20.43 -18.96 -18.08
C ARG A 306 -20.03 -17.75 -18.89
N PHE A 307 -18.73 -17.43 -18.99
CA PHE A 307 -18.29 -16.23 -19.68
C PHE A 307 -17.80 -16.51 -21.11
N SER A 308 -17.89 -17.76 -21.57
CA SER A 308 -17.26 -18.14 -22.83
C SER A 308 -17.85 -17.41 -24.02
N GLU A 309 -19.11 -16.99 -23.94
CA GLU A 309 -19.77 -16.30 -25.03
C GLU A 309 -20.40 -14.99 -24.56
N ASP A 310 -19.90 -14.42 -23.46
CA ASP A 310 -20.45 -13.21 -22.87
C ASP A 310 -19.77 -12.02 -23.54
N LEU A 311 -20.53 -11.25 -24.32
CA LEU A 311 -19.94 -10.12 -25.03
C LEU A 311 -19.83 -8.85 -24.20
N LYS A 312 -20.38 -8.82 -22.98
CA LYS A 312 -20.30 -7.63 -22.15
C LYS A 312 -18.87 -7.40 -21.68
N PRO A 313 -18.53 -6.16 -21.35
CA PRO A 313 -17.23 -5.91 -20.71
C PRO A 313 -17.16 -6.55 -19.33
N LEU A 314 -15.97 -6.48 -18.72
CA LEU A 314 -15.78 -7.05 -17.40
C LEU A 314 -16.77 -6.47 -16.40
N ASP A 315 -16.91 -5.14 -16.39
CA ASP A 315 -17.91 -4.44 -15.60
C ASP A 315 -18.65 -3.45 -16.48
N SER A 316 -19.97 -3.38 -16.29
CA SER A 316 -20.85 -2.61 -17.17
C SER A 316 -20.68 -1.11 -17.02
N GLU A 317 -20.08 -0.64 -15.94
CA GLU A 317 -19.92 0.78 -15.68
C GLU A 317 -18.48 1.26 -15.80
N CYS A 318 -17.52 0.35 -15.67
CA CYS A 318 -16.11 0.69 -15.64
C CYS A 318 -15.71 1.54 -16.84
N HIS A 319 -14.88 2.54 -16.58
CA HIS A 319 -14.42 3.44 -17.62
C HIS A 319 -13.06 3.05 -18.20
N CYS A 320 -12.49 1.91 -17.81
CA CYS A 320 -11.13 1.63 -18.22
C CYS A 320 -11.08 1.20 -19.68
N ALA A 321 -9.87 1.31 -20.26
CA ALA A 321 -9.71 1.03 -21.69
C ALA A 321 -10.04 -0.42 -22.01
N VAL A 322 -9.92 -1.32 -21.04
CA VAL A 322 -10.22 -2.73 -21.29
C VAL A 322 -11.72 -2.91 -21.48
N CYS A 323 -12.51 -2.28 -20.62
CA CYS A 323 -13.95 -2.43 -20.74
C CYS A 323 -14.53 -1.62 -21.88
N GLN A 324 -13.75 -0.71 -22.47
CA GLN A 324 -14.21 -0.01 -23.66
C GLN A 324 -14.00 -0.80 -24.93
N LYS A 325 -13.09 -1.77 -24.93
CA LYS A 325 -12.70 -2.44 -26.16
C LYS A 325 -13.01 -3.93 -26.21
N TRP A 326 -12.75 -4.69 -25.14
CA TRP A 326 -12.76 -6.15 -25.23
C TRP A 326 -13.87 -6.77 -24.40
N SER A 327 -14.34 -7.93 -24.84
CA SER A 327 -15.40 -8.65 -24.16
C SER A 327 -14.87 -9.59 -23.08
N ARG A 328 -15.77 -9.95 -22.16
CA ARG A 328 -15.50 -11.04 -21.24
C ARG A 328 -15.12 -12.32 -21.98
N ALA A 329 -15.82 -12.62 -23.08
CA ALA A 329 -15.53 -13.86 -23.79
C ALA A 329 -14.10 -13.89 -24.31
N TYR A 330 -13.58 -12.75 -24.79
CA TYR A 330 -12.19 -12.72 -25.26
C TYR A 330 -11.22 -12.88 -24.10
N ILE A 331 -11.47 -12.18 -22.99
CA ILE A 331 -10.55 -12.26 -21.86
C ILE A 331 -10.61 -13.65 -21.22
N HIS A 332 -11.79 -14.26 -21.24
CA HIS A 332 -11.97 -15.66 -20.86
C HIS A 332 -11.02 -16.56 -21.65
N HIS A 333 -11.05 -16.43 -22.97
CA HIS A 333 -10.22 -17.25 -23.85
C HIS A 333 -8.75 -17.02 -23.57
N LEU A 334 -8.35 -15.76 -23.42
CA LEU A 334 -6.94 -15.44 -23.17
C LEU A 334 -6.45 -16.08 -21.89
N ILE A 335 -7.21 -15.94 -20.80
CA ILE A 335 -6.73 -16.47 -19.54
C ILE A 335 -6.71 -17.99 -19.59
N ARG A 336 -7.68 -18.60 -20.28
CA ARG A 336 -7.69 -20.05 -20.37
C ARG A 336 -6.55 -20.59 -21.21
N ALA A 337 -6.07 -19.83 -22.19
CA ALA A 337 -4.93 -20.25 -23.02
C ALA A 337 -3.59 -19.89 -22.42
N GLY A 338 -3.56 -19.27 -21.24
CA GLY A 338 -2.32 -18.80 -20.63
C GLY A 338 -1.63 -17.68 -21.36
N GLU A 339 -2.37 -16.84 -22.09
CA GLU A 339 -1.80 -15.76 -22.86
C GLU A 339 -1.44 -14.54 -22.01
N ILE A 340 -0.27 -13.97 -22.29
CA ILE A 340 0.21 -12.79 -21.57
C ILE A 340 -0.80 -11.65 -21.68
N LEU A 341 -1.42 -11.48 -22.85
CA LEU A 341 -2.37 -10.38 -22.98
C LEU A 341 -3.52 -10.54 -21.99
N GLY A 342 -3.88 -11.77 -21.64
CA GLY A 342 -4.92 -11.95 -20.63
C GLY A 342 -4.53 -11.34 -19.29
N ALA A 343 -3.28 -11.57 -18.86
CA ALA A 343 -2.80 -10.98 -17.62
C ALA A 343 -2.73 -9.46 -17.73
N MET A 344 -2.30 -8.95 -18.89
CA MET A 344 -2.25 -7.50 -19.09
C MET A 344 -3.64 -6.86 -18.95
N LEU A 345 -4.64 -7.43 -19.62
CA LEU A 345 -5.96 -6.81 -19.63
C LEU A 345 -6.65 -6.96 -18.28
N MET A 346 -6.54 -8.15 -17.66
CA MET A 346 -7.13 -8.34 -16.35
C MET A 346 -6.52 -7.39 -15.32
N THR A 347 -5.21 -7.16 -15.43
CA THR A 347 -4.52 -6.34 -14.45
C THR A 347 -4.87 -4.88 -14.62
N GLU A 348 -4.92 -4.42 -15.88
CA GLU A 348 -5.27 -3.03 -16.11
C GLU A 348 -6.68 -2.76 -15.64
N HIS A 349 -7.61 -3.69 -15.90
CA HIS A 349 -8.97 -3.44 -15.44
C HIS A 349 -9.05 -3.39 -13.92
N ASN A 350 -8.40 -4.35 -13.25
CA ASN A 350 -8.51 -4.40 -11.78
C ASN A 350 -7.90 -3.17 -11.13
N ILE A 351 -6.73 -2.72 -11.59
CA ILE A 351 -6.12 -1.53 -11.01
C ILE A 351 -6.98 -0.30 -11.28
N ALA A 352 -7.59 -0.24 -12.48
CA ALA A 352 -8.51 0.85 -12.78
C ALA A 352 -9.76 0.77 -11.90
N PHE A 353 -10.28 -0.44 -11.66
CA PHE A 353 -11.43 -0.55 -10.76
C PHE A 353 -11.10 -0.02 -9.38
N TYR A 354 -9.92 -0.41 -8.85
CA TYR A 354 -9.49 0.09 -7.55
C TYR A 354 -9.40 1.62 -7.55
N GLN A 355 -8.85 2.21 -8.60
CA GLN A 355 -8.74 3.67 -8.64
C GLN A 355 -10.10 4.33 -8.75
N GLN A 356 -11.03 3.76 -9.53
CA GLN A 356 -12.38 4.32 -9.57
C GLN A 356 -13.06 4.22 -8.21
N LEU A 357 -12.80 3.14 -7.48
CA LEU A 357 -13.32 3.02 -6.13
C LEU A 357 -12.80 4.15 -5.24
N MET A 358 -11.48 4.39 -5.26
CA MET A 358 -10.94 5.49 -4.45
C MET A 358 -11.52 6.84 -4.88
N GLN A 359 -11.68 7.04 -6.19
CA GLN A 359 -12.27 8.29 -6.67
C GLN A 359 -13.71 8.47 -6.15
N LYS A 360 -14.50 7.39 -6.16
CA LYS A 360 -15.85 7.47 -5.62
C LYS A 360 -15.84 7.77 -4.13
N ILE A 361 -14.88 7.19 -3.40
CA ILE A 361 -14.73 7.48 -1.97
C ILE A 361 -14.38 8.95 -1.76
N ARG A 362 -13.38 9.44 -2.51
CA ARG A 362 -12.97 10.84 -2.37
C ARG A 362 -14.13 11.79 -2.68
N ASP A 363 -14.83 11.54 -3.79
CA ASP A 363 -15.97 12.39 -4.13
C ASP A 363 -17.07 12.33 -3.09
N SER A 364 -17.40 11.14 -2.59
CA SER A 364 -18.51 11.07 -1.63
C SER A 364 -18.16 11.74 -0.30
N ILE A 365 -16.93 11.60 0.19
CA ILE A 365 -16.55 12.29 1.42
C ILE A 365 -16.63 13.80 1.22
N SER A 366 -16.09 14.29 0.11
CA SER A 366 -16.10 15.72 -0.17
C SER A 366 -17.52 16.25 -0.29
N GLU A 367 -18.47 15.41 -0.71
CA GLU A 367 -19.85 15.84 -0.86
C GLU A 367 -20.71 15.53 0.36
N GLY A 368 -20.13 14.96 1.42
CA GLY A 368 -20.91 14.69 2.60
C GLY A 368 -21.93 13.59 2.44
N ARG A 369 -21.62 12.59 1.61
CA ARG A 369 -22.52 11.47 1.39
C ARG A 369 -21.74 10.15 1.33
N PHE A 370 -20.62 10.06 2.04
CA PHE A 370 -19.83 8.82 2.01
C PHE A 370 -20.52 7.69 2.77
N SER A 371 -21.20 8.00 3.87
CA SER A 371 -21.95 6.97 4.58
C SER A 371 -22.95 6.30 3.65
N GLN A 372 -23.75 7.10 2.93
CA GLN A 372 -24.68 6.54 1.96
C GLN A 372 -23.95 5.75 0.89
N PHE A 373 -22.84 6.28 0.36
CA PHE A 373 -22.11 5.53 -0.65
C PHE A 373 -21.66 4.18 -0.11
N ALA A 374 -21.13 4.16 1.11
CA ALA A 374 -20.65 2.89 1.66
C ALA A 374 -21.78 1.89 1.77
N GLN A 375 -22.94 2.33 2.27
CA GLN A 375 -24.11 1.46 2.36
C GLN A 375 -24.52 0.96 0.97
N ASP A 376 -24.61 1.87 0.00
CA ASP A 376 -24.99 1.50 -1.36
C ASP A 376 -23.94 0.56 -1.97
N PHE A 377 -22.66 0.85 -1.73
CA PHE A 377 -21.63 0.00 -2.29
C PHE A 377 -21.76 -1.44 -1.80
N ARG A 378 -21.88 -1.62 -0.48
CA ARG A 378 -21.92 -2.98 0.09
C ARG A 378 -23.20 -3.70 -0.29
N ALA A 379 -24.32 -2.98 -0.40
CA ALA A 379 -25.58 -3.61 -0.77
C ALA A 379 -25.47 -4.27 -2.13
N ARG A 380 -24.82 -3.59 -3.08
CA ARG A 380 -24.72 -4.13 -4.43
C ARG A 380 -23.55 -5.09 -4.57
N TYR A 381 -22.42 -4.78 -3.93
CA TYR A 381 -21.23 -5.62 -4.07
C TYR A 381 -21.45 -7.01 -3.48
N PHE A 382 -22.22 -7.11 -2.40
CA PHE A 382 -22.49 -8.37 -1.73
C PHE A 382 -23.83 -8.98 -2.10
N ALA A 383 -24.52 -8.43 -3.09
CA ALA A 383 -25.76 -9.03 -3.59
C ALA A 383 -25.45 -10.32 -4.35
ZN ZN B . -12.65 -2.03 -16.74
C1 GOL C . 4.30 7.17 -16.17
O1 GOL C . 4.98 6.77 -17.33
C2 GOL C . 4.90 8.50 -15.73
O2 GOL C . 6.25 8.27 -15.35
C3 GOL C . 4.08 9.04 -14.56
O3 GOL C . 3.92 10.43 -14.72
C1 GOL D . -17.19 -6.06 -26.53
O1 GOL D . -18.18 -6.96 -26.98
C2 GOL D . -17.81 -4.92 -25.74
O2 GOL D . -18.36 -3.98 -26.63
C3 GOL D . -16.71 -4.26 -24.91
O3 GOL D . -17.16 -3.00 -24.43
C1 GOL E . -21.74 1.29 -5.89
O1 GOL E . -22.66 0.22 -5.98
C2 GOL E . -22.07 2.32 -6.95
O2 GOL E . -21.28 3.47 -6.74
C3 GOL E . -21.77 1.73 -8.32
O3 GOL E . -21.82 2.77 -9.28
C1 6H9 F . 0.56 -7.09 5.04
C2 6H9 F . 2.22 -5.76 5.28
C3 6H9 F . 3.32 -4.91 5.13
C4 6H9 F . 3.91 -4.37 6.25
C5 6H9 F . 3.44 -4.68 7.54
C6 6H9 F . 4.16 -4.17 8.74
O 6H9 F . 3.70 -4.31 9.87
N2 6H9 F . 5.33 -3.57 8.51
N3 6H9 F . 6.11 -3.02 9.55
C7 6H9 F . 2.34 -5.51 7.70
C8 6H9 F . 1.74 -6.05 6.56
N1 6H9 F . 1.46 -6.44 4.33
N4 6H9 F . 0.67 -6.90 6.37
N 6H9 F . -0.38 -7.88 4.52
C 6H9 F . -0.53 -8.12 3.09
#